data_6QCJ
#
_entry.id   6QCJ
#
_cell.length_a   91.917
_cell.length_b   91.917
_cell.length_c   144.368
_cell.angle_alpha   90.00
_cell.angle_beta   90.00
_cell.angle_gamma   120.00
#
_symmetry.space_group_name_H-M   'P 63'
#
loop_
_entity.id
_entity.type
_entity.pdbx_description
1 polymer 'NAD-dependent protein deacetylase sirtuin-6'
2 non-polymer '[(2R,3S,4R,5R)-5-(6-AMINOPURIN-9-YL)-3,4-DIHYDROXY-OXOLAN-2-YL]METHYL [HYDROXY-[[(2R,3S,4R,5S)-3,4,5-TRIHYDROXYOXOLAN-2-YL]METHOXY]PHOSPHORYL] HYDROGEN PHOSPHATE'
3 non-polymer 'ZINC ION'
4 non-polymer 1,2-ETHANEDIOL
5 non-polymer 'SULFATE ION'
6 non-polymer '(2R,3S)-2-(3,4-dihydroxyphenyl)-5,7-dihydroxy-3,4-dihydro-2H-chromen-3-yl 3,4,5-trihydroxybenzoate'
7 water water
#
_entity_poly.entity_id   1
_entity_poly.type   'polypeptide(L)'
_entity_poly.pdbx_seq_one_letter_code
;GIDPFTADKGKCGLPEIFDPPEELERKVWELARLVWQSSSVVFHTGAGISTASGIPDFRGPHGVWTMEERGLAPKFDTTF
ESARPTQTHMALVQLERVGLLRFLVSQNVDGLHVRSGFPRDKLAELHGNMFVEECAKCKTQYVRDTVVGTMGLKATGRLC
TVAKARGLRACRGELRDTILDWEDSLPDRDLALADEASRNADLSITLGTSLQIRPSGNLPLATKRRGGRLVIVNLQPTKH
DRHADLRIHGYVDEVMTRLMKHLGLEIPAWDGPRVLERALPPLPRPPTPKLEPKEESPTRIN
;
_entity_poly.pdbx_strand_id   A,B
#
# COMPACT_ATOMS: atom_id res chain seq x y z
N PRO A 4 -9.77 -25.45 -17.10
CA PRO A 4 -8.91 -24.45 -16.39
C PRO A 4 -8.12 -23.59 -17.37
N PHE A 5 -7.29 -24.29 -18.16
CA PHE A 5 -6.50 -23.80 -19.30
C PHE A 5 -7.47 -23.10 -20.25
N THR A 6 -8.66 -23.70 -20.36
CA THR A 6 -9.83 -23.35 -21.20
C THR A 6 -10.67 -22.22 -20.56
N ALA A 7 -10.70 -22.11 -19.22
CA ALA A 7 -11.52 -21.11 -18.47
C ALA A 7 -11.60 -19.77 -19.22
N ASP A 8 -12.80 -19.30 -19.58
CA ASP A 8 -13.02 -17.91 -20.05
C ASP A 8 -12.80 -16.95 -18.87
N LYS A 9 -11.84 -16.03 -19.05
CA LYS A 9 -11.34 -15.02 -18.08
C LYS A 9 -11.99 -13.68 -18.45
N GLY A 10 -13.08 -13.76 -19.19
CA GLY A 10 -13.90 -12.60 -19.62
C GLY A 10 -13.06 -11.49 -20.20
N LYS A 11 -13.52 -10.26 -20.03
CA LYS A 11 -12.91 -9.12 -20.74
C LYS A 11 -11.75 -8.65 -19.91
N CYS A 12 -10.57 -8.58 -20.52
CA CYS A 12 -9.35 -8.29 -19.73
C CYS A 12 -8.69 -7.08 -20.37
N GLY A 13 -8.24 -6.11 -19.57
CA GLY A 13 -7.41 -4.99 -20.08
C GLY A 13 -8.19 -3.84 -20.75
N LEU A 14 -9.49 -3.70 -20.50
CA LEU A 14 -10.28 -2.50 -20.85
C LEU A 14 -9.59 -1.20 -20.45
N PRO A 15 -9.79 -0.09 -21.21
CA PRO A 15 -9.19 1.19 -20.84
C PRO A 15 -9.84 1.75 -19.54
N GLU A 16 -9.06 2.49 -18.77
CA GLU A 16 -9.52 3.07 -17.50
C GLU A 16 -10.19 4.41 -17.79
N ILE A 17 -11.13 4.83 -16.95
CA ILE A 17 -11.88 6.12 -17.02
C ILE A 17 -11.44 6.91 -15.78
N PHE A 18 -11.38 8.22 -15.90
CA PHE A 18 -11.01 9.14 -14.81
C PHE A 18 -12.04 10.27 -14.81
N ASP A 19 -12.87 10.35 -13.77
CA ASP A 19 -13.75 11.53 -13.56
C ASP A 19 -12.85 12.76 -13.39
N PRO A 20 -13.20 13.94 -13.94
CA PRO A 20 -12.43 15.15 -13.66
C PRO A 20 -12.85 15.66 -12.27
N PRO A 21 -11.90 16.33 -11.61
CA PRO A 21 -11.99 16.62 -10.18
C PRO A 21 -13.28 17.27 -9.67
N GLU A 22 -13.95 18.14 -10.44
CA GLU A 22 -15.22 18.82 -10.02
C GLU A 22 -16.36 17.78 -10.04
N GLU A 23 -16.35 16.85 -11.00
CA GLU A 23 -17.33 15.74 -11.14
C GLU A 23 -17.13 14.71 -10.02
N LEU A 24 -15.87 14.44 -9.70
CA LEU A 24 -15.48 13.43 -8.68
C LEU A 24 -16.00 13.96 -7.35
N GLU A 25 -15.66 15.21 -7.01
CA GLU A 25 -16.14 15.88 -5.76
C GLU A 25 -17.65 15.77 -5.67
N ARG A 26 -18.39 16.04 -6.76
CA ARG A 26 -19.88 16.08 -6.73
C ARG A 26 -20.43 14.65 -6.61
N LYS A 27 -19.73 13.66 -7.15
CA LYS A 27 -20.22 12.26 -7.08
C LYS A 27 -20.00 11.75 -5.65
N VAL A 28 -18.98 12.22 -4.97
CA VAL A 28 -18.69 11.63 -3.64
C VAL A 28 -19.65 12.26 -2.63
N TRP A 29 -19.98 13.53 -2.78
CA TRP A 29 -21.05 14.19 -1.99
C TRP A 29 -22.38 13.44 -2.15
N GLU A 30 -22.72 13.02 -3.36
CA GLU A 30 -24.03 12.39 -3.68
C GLU A 30 -24.04 11.02 -3.00
N LEU A 31 -22.85 10.41 -2.94
CA LEU A 31 -22.69 9.11 -2.29
C LEU A 31 -22.93 9.34 -0.81
N ALA A 32 -22.29 10.35 -0.23
CA ALA A 32 -22.58 10.74 1.18
C ALA A 32 -24.09 10.74 1.46
N ARG A 33 -24.83 11.54 0.64
CA ARG A 33 -26.31 11.69 0.61
C ARG A 33 -26.98 10.32 0.60
N LEU A 34 -26.51 9.36 -0.18
CA LEU A 34 -27.20 8.03 -0.26
C LEU A 34 -26.96 7.24 1.03
N VAL A 35 -25.78 7.42 1.64
CA VAL A 35 -25.36 6.60 2.82
C VAL A 35 -26.22 7.11 3.99
N TRP A 36 -26.52 8.40 4.01
CA TRP A 36 -27.27 9.05 5.10
C TRP A 36 -28.75 8.63 5.07
N GLN A 37 -29.28 8.51 3.86
CA GLN A 37 -30.71 8.25 3.58
C GLN A 37 -31.02 6.76 3.67
N SER A 38 -29.99 5.92 3.70
CA SER A 38 -30.12 4.47 3.50
C SER A 38 -30.09 3.75 4.82
N SER A 39 -31.10 2.92 5.01
CA SER A 39 -31.36 2.14 6.23
C SER A 39 -30.41 0.94 6.31
N SER A 40 -30.04 0.34 5.17
CA SER A 40 -29.33 -0.98 5.13
C SER A 40 -28.34 -0.99 3.98
N VAL A 41 -27.07 -0.72 4.28
CA VAL A 41 -26.00 -0.52 3.28
C VAL A 41 -25.13 -1.78 3.29
N VAL A 42 -24.93 -2.37 2.10
CA VAL A 42 -24.03 -3.50 1.85
C VAL A 42 -22.96 -3.05 0.86
N PHE A 43 -21.80 -3.62 1.15
CA PHE A 43 -20.58 -3.31 0.39
C PHE A 43 -20.25 -4.64 -0.22
N HIS A 44 -19.98 -4.58 -1.51
CA HIS A 44 -19.46 -5.65 -2.36
C HIS A 44 -18.02 -5.30 -2.76
N THR A 45 -16.99 -6.12 -2.48
CA THR A 45 -15.58 -5.75 -2.84
C THR A 45 -14.85 -6.81 -3.69
N GLY A 46 -13.76 -6.38 -4.33
CA GLY A 46 -13.04 -7.06 -5.37
C GLY A 46 -11.63 -6.52 -5.35
N ALA A 47 -10.80 -7.18 -6.16
CA ALA A 47 -9.32 -7.16 -6.15
C ALA A 47 -8.70 -5.74 -6.29
N GLY A 48 -9.41 -4.82 -6.94
CA GLY A 48 -9.18 -3.37 -6.99
C GLY A 48 -9.02 -2.73 -5.61
N ILE A 49 -9.60 -3.27 -4.53
CA ILE A 49 -9.36 -2.55 -3.23
C ILE A 49 -8.01 -2.92 -2.60
N SER A 50 -7.19 -3.74 -3.22
CA SER A 50 -5.95 -4.24 -2.55
C SER A 50 -4.75 -3.75 -3.34
N THR A 51 -5.01 -3.19 -4.56
CA THR A 51 -3.93 -2.83 -5.52
C THR A 51 -2.98 -1.82 -4.90
N ALA A 52 -3.43 -0.93 -4.05
CA ALA A 52 -2.56 0.09 -3.40
C ALA A 52 -1.78 -0.56 -2.24
N SER A 53 -1.95 -1.87 -2.04
CA SER A 53 -1.05 -2.59 -1.12
C SER A 53 -0.02 -3.49 -1.86
N GLY A 54 0.05 -3.45 -3.21
CA GLY A 54 1.01 -4.17 -4.10
C GLY A 54 0.50 -5.50 -4.53
N ILE A 55 -0.81 -5.79 -4.32
CA ILE A 55 -1.37 -7.07 -4.89
C ILE A 55 -2.06 -6.65 -6.18
N PRO A 56 -1.71 -7.26 -7.34
CA PRO A 56 -2.32 -6.94 -8.62
C PRO A 56 -3.73 -7.55 -8.70
N ASP A 57 -4.57 -6.81 -9.42
CA ASP A 57 -5.96 -7.27 -9.78
C ASP A 57 -5.85 -8.41 -10.81
N PHE A 58 -7.01 -8.94 -11.21
CA PHE A 58 -7.13 -9.95 -12.26
C PHE A 58 -7.19 -9.31 -13.66
N ARG A 59 -8.02 -8.29 -13.86
CA ARG A 59 -8.43 -7.86 -15.24
C ARG A 59 -8.17 -6.40 -15.53
N GLY A 60 -7.46 -5.69 -14.67
CA GLY A 60 -6.94 -4.31 -14.93
C GLY A 60 -5.74 -4.33 -15.88
N PRO A 61 -5.26 -3.16 -16.38
CA PRO A 61 -4.11 -3.08 -17.27
C PRO A 61 -2.87 -3.96 -17.02
N HIS A 62 -2.50 -4.10 -15.77
CA HIS A 62 -1.43 -5.02 -15.27
C HIS A 62 -2.03 -6.15 -14.42
N GLY A 63 -3.30 -6.49 -14.64
CA GLY A 63 -3.93 -7.66 -13.98
C GLY A 63 -3.27 -9.01 -14.29
N VAL A 64 -3.50 -10.02 -13.44
CA VAL A 64 -2.95 -11.42 -13.61
C VAL A 64 -3.43 -12.02 -14.94
N TRP A 65 -4.74 -12.08 -15.19
CA TRP A 65 -5.32 -12.58 -16.46
C TRP A 65 -4.90 -11.69 -17.65
N THR A 66 -4.92 -10.38 -17.50
CA THR A 66 -4.48 -9.46 -18.59
C THR A 66 -3.04 -9.78 -19.02
N MET A 67 -2.12 -9.98 -18.08
CA MET A 67 -0.67 -10.05 -18.42
C MET A 67 -0.42 -11.40 -19.08
N GLU A 68 -0.87 -12.49 -18.49
CA GLU A 68 -1.03 -13.81 -19.14
C GLU A 68 -1.38 -13.67 -20.64
N GLU A 69 -2.48 -12.98 -20.96
CA GLU A 69 -3.03 -12.87 -22.35
C GLU A 69 -2.03 -12.20 -23.30
N ARG A 70 -1.28 -11.22 -22.79
CA ARG A 70 -0.15 -10.57 -23.53
C ARG A 70 1.18 -11.31 -23.28
N GLY A 71 1.17 -12.43 -22.56
CA GLY A 71 2.39 -13.27 -22.37
C GLY A 71 3.39 -12.68 -21.39
N LEU A 72 2.96 -11.79 -20.50
CA LEU A 72 3.89 -11.24 -19.47
C LEU A 72 3.40 -11.76 -18.13
N ALA A 73 4.05 -11.37 -17.04
CA ALA A 73 3.70 -11.87 -15.69
C ALA A 73 3.17 -10.71 -14.85
N PRO A 74 2.24 -10.97 -13.91
CA PRO A 74 1.81 -9.98 -12.93
C PRO A 74 3.01 -9.68 -12.05
N LYS A 75 2.98 -8.57 -11.34
CA LYS A 75 4.10 -8.23 -10.41
C LYS A 75 3.54 -8.00 -9.00
N PHE A 76 4.08 -8.69 -7.96
CA PHE A 76 3.74 -8.37 -6.56
C PHE A 76 4.86 -7.59 -5.85
N ASP A 77 4.45 -6.55 -5.11
CA ASP A 77 5.36 -5.52 -4.50
C ASP A 77 5.43 -5.85 -3.00
N THR A 78 4.63 -6.87 -2.58
CA THR A 78 4.67 -7.41 -1.17
C THR A 78 4.55 -8.95 -1.11
N THR A 79 4.70 -9.59 0.08
CA THR A 79 4.16 -10.97 0.27
C THR A 79 2.73 -10.87 0.80
N PHE A 80 1.96 -11.94 0.69
CA PHE A 80 0.57 -11.92 1.24
C PHE A 80 0.62 -11.76 2.75
N GLU A 81 1.68 -12.30 3.38
CA GLU A 81 1.90 -12.12 4.86
C GLU A 81 2.32 -10.69 5.24
N SER A 82 3.11 -9.99 4.41
CA SER A 82 3.60 -8.61 4.70
C SER A 82 2.60 -7.51 4.23
N ALA A 83 1.45 -7.88 3.71
CA ALA A 83 0.59 -6.95 2.94
C ALA A 83 -0.22 -6.15 3.95
N ARG A 84 -0.24 -4.81 3.84
CA ARG A 84 -1.08 -4.04 4.78
C ARG A 84 -2.47 -3.77 4.21
N PRO A 85 -3.50 -3.92 5.07
CA PRO A 85 -4.80 -3.36 4.72
C PRO A 85 -4.65 -1.90 4.23
N THR A 86 -5.30 -1.53 3.10
CA THR A 86 -5.44 -0.16 2.55
C THR A 86 -6.42 0.65 3.44
N GLN A 87 -6.30 1.98 3.32
CA GLN A 87 -7.33 2.99 3.73
C GLN A 87 -8.76 2.48 3.41
N THR A 88 -9.05 2.02 2.22
CA THR A 88 -10.41 1.51 1.93
C THR A 88 -10.77 0.42 2.93
N HIS A 89 -9.88 -0.59 3.13
CA HIS A 89 -10.08 -1.65 4.16
C HIS A 89 -10.43 -1.09 5.55
N MET A 90 -9.62 -0.19 6.10
CA MET A 90 -9.84 0.37 7.44
C MET A 90 -11.08 1.29 7.43
N ALA A 91 -11.43 1.94 6.34
CA ALA A 91 -12.63 2.80 6.34
C ALA A 91 -13.89 1.89 6.48
N LEU A 92 -13.79 0.64 6.05
CA LEU A 92 -14.98 -0.26 6.10
C LEU A 92 -15.09 -0.87 7.48
N VAL A 93 -13.96 -1.01 8.17
CA VAL A 93 -13.89 -1.48 9.59
C VAL A 93 -14.74 -0.48 10.41
N GLN A 94 -14.37 0.81 10.34
CA GLN A 94 -15.02 1.94 10.98
C GLN A 94 -16.51 2.04 10.66
N LEU A 95 -16.90 1.91 9.41
CA LEU A 95 -18.30 2.07 8.98
C LEU A 95 -19.14 0.93 9.56
N GLU A 96 -18.58 -0.25 9.69
CA GLU A 96 -19.28 -1.36 10.41
C GLU A 96 -19.33 -1.05 11.92
N ARG A 97 -18.33 -0.40 12.52
CA ARG A 97 -18.26 -0.24 13.99
C ARG A 97 -19.34 0.70 14.48
N VAL A 98 -19.71 1.63 13.62
CA VAL A 98 -20.59 2.73 14.03
C VAL A 98 -21.96 2.37 13.53
N GLY A 99 -22.11 1.17 12.96
CA GLY A 99 -23.39 0.61 12.46
C GLY A 99 -23.89 1.23 11.15
N LEU A 100 -23.05 1.85 10.30
CA LEU A 100 -23.43 2.27 8.90
C LEU A 100 -23.21 1.18 7.82
N LEU A 101 -22.49 0.11 8.10
CA LEU A 101 -22.38 -1.01 7.14
C LEU A 101 -23.25 -2.10 7.72
N ARG A 102 -24.17 -2.70 6.96
CA ARG A 102 -24.92 -3.90 7.45
C ARG A 102 -24.13 -5.19 7.17
N PHE A 103 -23.67 -5.40 5.93
CA PHE A 103 -22.92 -6.65 5.56
C PHE A 103 -21.84 -6.35 4.52
N LEU A 104 -20.82 -7.19 4.49
CA LEU A 104 -19.69 -7.06 3.56
C LEU A 104 -19.56 -8.33 2.73
N VAL A 105 -19.80 -8.21 1.41
CA VAL A 105 -19.62 -9.33 0.44
C VAL A 105 -18.33 -9.16 -0.39
N SER A 106 -17.31 -10.04 -0.21
CA SER A 106 -16.02 -10.03 -0.95
C SER A 106 -15.73 -11.31 -1.74
N GLN A 107 -15.27 -11.03 -2.97
CA GLN A 107 -14.65 -11.99 -3.88
C GLN A 107 -13.16 -12.12 -3.56
N ASN A 108 -12.53 -11.33 -2.66
CA ASN A 108 -11.03 -11.45 -2.48
C ASN A 108 -10.60 -12.63 -1.63
N VAL A 109 -9.60 -13.32 -2.16
CA VAL A 109 -8.98 -14.44 -1.44
C VAL A 109 -7.79 -13.91 -0.63
N ASP A 110 -7.43 -12.63 -0.78
CA ASP A 110 -6.14 -12.03 -0.29
C ASP A 110 -6.11 -11.93 1.25
N GLY A 111 -7.18 -12.34 1.92
CA GLY A 111 -7.22 -12.36 3.39
C GLY A 111 -7.14 -11.07 4.18
N LEU A 112 -7.44 -9.90 3.64
CA LEU A 112 -7.04 -8.65 4.31
C LEU A 112 -8.25 -8.04 5.00
N HIS A 113 -9.46 -8.39 4.55
CA HIS A 113 -10.64 -8.11 5.35
C HIS A 113 -10.48 -8.71 6.75
N VAL A 114 -10.15 -10.00 6.88
CA VAL A 114 -10.04 -10.72 8.18
C VAL A 114 -8.92 -10.12 9.04
N ARG A 115 -7.77 -9.83 8.46
CA ARG A 115 -6.55 -9.24 9.08
C ARG A 115 -6.73 -7.77 9.52
N SER A 116 -7.56 -7.01 8.81
CA SER A 116 -7.96 -5.62 9.17
C SER A 116 -8.67 -5.63 10.50
N GLY A 117 -9.34 -6.73 10.84
CA GLY A 117 -10.05 -6.82 12.13
C GLY A 117 -11.52 -6.88 11.88
N PHE A 118 -11.94 -7.06 10.63
CA PHE A 118 -13.36 -6.83 10.29
C PHE A 118 -14.12 -8.06 10.79
N PRO A 119 -15.30 -7.96 11.44
CA PRO A 119 -15.94 -9.14 12.01
C PRO A 119 -16.48 -10.20 11.05
N ARG A 120 -15.99 -11.43 11.22
CA ARG A 120 -16.22 -12.57 10.29
C ARG A 120 -17.72 -12.90 10.17
N ASP A 121 -18.52 -12.57 11.17
CA ASP A 121 -19.99 -12.80 11.11
C ASP A 121 -20.70 -11.67 10.33
N LYS A 122 -20.00 -10.67 9.79
CA LYS A 122 -20.65 -9.72 8.83
C LYS A 122 -20.00 -9.71 7.45
N LEU A 123 -19.18 -10.72 7.14
CA LEU A 123 -18.40 -10.86 5.89
C LEU A 123 -18.78 -12.20 5.24
N ALA A 124 -19.00 -12.21 3.93
CA ALA A 124 -19.03 -13.43 3.09
C ALA A 124 -17.79 -13.42 2.20
N GLU A 125 -16.94 -14.46 2.32
CA GLU A 125 -15.76 -14.75 1.45
C GLU A 125 -16.17 -15.77 0.37
N LEU A 126 -16.75 -15.25 -0.69
CA LEU A 126 -17.38 -16.01 -1.78
C LEU A 126 -16.37 -16.93 -2.45
N HIS A 127 -15.09 -16.52 -2.54
CA HIS A 127 -14.09 -17.29 -3.30
C HIS A 127 -13.10 -17.96 -2.35
N GLY A 128 -13.28 -17.80 -1.02
CA GLY A 128 -12.40 -18.37 0.00
C GLY A 128 -11.28 -17.35 0.28
N ASN A 129 -10.29 -17.79 1.02
CA ASN A 129 -9.32 -17.05 1.88
C ASN A 129 -8.04 -17.87 1.93
N MET A 130 -6.92 -17.28 1.47
CA MET A 130 -5.62 -18.01 1.39
C MET A 130 -5.07 -18.36 2.78
N PHE A 131 -5.47 -17.67 3.83
CA PHE A 131 -4.99 -18.01 5.20
C PHE A 131 -5.94 -19.00 5.88
N VAL A 132 -7.01 -19.41 5.24
CA VAL A 132 -8.00 -20.32 5.93
C VAL A 132 -7.87 -21.77 5.53
N GLU A 133 -7.85 -22.69 6.53
CA GLU A 133 -8.10 -24.11 6.19
C GLU A 133 -9.35 -24.61 6.93
N GLU A 134 -9.91 -25.71 6.43
CA GLU A 134 -11.20 -26.24 6.91
C GLU A 134 -11.11 -27.76 7.02
N CYS A 135 -11.50 -28.30 8.17
CA CYS A 135 -11.68 -29.75 8.38
C CYS A 135 -12.68 -30.31 7.35
N ALA A 136 -12.24 -31.28 6.56
CA ALA A 136 -13.13 -32.16 5.79
C ALA A 136 -14.19 -32.77 6.71
N LYS A 137 -13.84 -33.13 7.95
CA LYS A 137 -14.69 -34.03 8.81
C LYS A 137 -15.74 -33.24 9.58
N CYS A 138 -15.39 -32.11 10.20
CA CYS A 138 -16.24 -31.39 11.20
C CYS A 138 -16.60 -29.98 10.72
N LYS A 139 -15.97 -29.51 9.63
CA LYS A 139 -16.24 -28.22 8.98
C LYS A 139 -15.53 -27.09 9.75
N THR A 140 -14.61 -27.43 10.64
CA THR A 140 -14.01 -26.38 11.50
C THR A 140 -12.89 -25.66 10.74
N GLN A 141 -12.99 -24.33 10.71
CA GLN A 141 -12.11 -23.38 9.95
C GLN A 141 -11.03 -22.83 10.88
N TYR A 142 -9.81 -22.73 10.40
CA TYR A 142 -8.66 -22.28 11.23
C TYR A 142 -8.03 -21.09 10.53
N VAL A 143 -7.85 -19.95 11.19
CA VAL A 143 -7.36 -18.76 10.44
C VAL A 143 -5.88 -18.65 10.77
N ARG A 144 -4.98 -18.89 9.81
CA ARG A 144 -3.52 -19.04 10.08
C ARG A 144 -2.83 -17.71 9.86
N ASP A 145 -1.61 -17.52 10.37
CA ASP A 145 -0.73 -16.34 10.11
C ASP A 145 0.08 -16.40 8.80
N THR A 146 0.06 -17.52 8.12
CA THR A 146 0.79 -17.68 6.85
C THR A 146 -0.15 -18.34 5.88
N VAL A 147 0.11 -18.14 4.58
CA VAL A 147 -0.77 -18.79 3.55
C VAL A 147 -0.70 -20.31 3.66
N VAL A 148 -1.82 -20.99 3.45
CA VAL A 148 -1.85 -22.42 3.85
C VAL A 148 -0.98 -23.25 2.90
N GLY A 149 -0.87 -22.84 1.62
CA GLY A 149 0.07 -23.41 0.63
C GLY A 149 -0.53 -24.19 -0.52
N THR A 150 -1.83 -24.53 -0.49
CA THR A 150 -2.57 -25.23 -1.59
C THR A 150 -3.74 -24.39 -2.13
N MET A 151 -4.15 -24.62 -3.38
CA MET A 151 -5.41 -24.05 -3.92
C MET A 151 -6.27 -25.21 -4.43
N GLY A 152 -7.58 -25.01 -4.54
CA GLY A 152 -8.51 -25.87 -5.27
C GLY A 152 -9.27 -26.84 -4.39
N LEU A 153 -9.37 -26.53 -3.09
CA LEU A 153 -9.95 -27.34 -1.99
C LEU A 153 -9.24 -28.70 -1.90
N LYS A 154 -7.89 -28.66 -1.89
CA LYS A 154 -7.02 -29.85 -1.65
C LYS A 154 -6.44 -29.89 -0.23
N ALA A 155 -5.89 -31.06 0.12
CA ALA A 155 -5.32 -31.37 1.44
C ALA A 155 -4.05 -30.56 1.63
N THR A 156 -3.92 -29.94 2.77
CA THR A 156 -2.83 -28.99 3.09
C THR A 156 -1.66 -29.77 3.66
N GLY A 157 -1.97 -30.88 4.32
CA GLY A 157 -0.99 -31.69 5.09
C GLY A 157 -1.07 -31.49 6.60
N ARG A 158 -2.05 -30.75 7.12
CA ARG A 158 -2.29 -30.68 8.60
C ARG A 158 -3.66 -31.30 8.90
N LEU A 159 -3.80 -31.80 10.13
CA LEU A 159 -4.93 -32.63 10.61
C LEU A 159 -5.66 -31.85 11.71
N CYS A 160 -6.97 -32.04 11.82
CA CYS A 160 -7.79 -31.31 12.82
C CYS A 160 -7.34 -31.67 14.22
N THR A 161 -7.46 -30.71 15.14
CA THR A 161 -7.02 -30.75 16.54
C THR A 161 -8.20 -30.40 17.45
N VAL A 162 -9.44 -30.41 16.94
CA VAL A 162 -10.63 -30.26 17.84
C VAL A 162 -10.84 -31.58 18.59
N ALA A 163 -11.25 -31.53 19.86
CA ALA A 163 -11.95 -32.67 20.54
C ALA A 163 -13.19 -32.16 21.28
N CYS A 171 -10.51 -35.47 16.78
CA CYS A 171 -11.13 -35.47 15.41
C CYS A 171 -10.11 -35.97 14.41
N ARG A 172 -8.99 -35.25 14.28
CA ARG A 172 -7.87 -35.64 13.40
C ARG A 172 -8.34 -35.68 11.94
N GLY A 173 -9.45 -35.03 11.58
CA GLY A 173 -9.90 -34.95 10.18
C GLY A 173 -8.87 -34.30 9.23
N GLU A 174 -9.11 -34.38 7.93
CA GLU A 174 -8.20 -33.81 6.91
C GLU A 174 -8.46 -32.30 6.81
N LEU A 175 -7.41 -31.46 6.94
CA LEU A 175 -7.50 -30.00 6.66
C LEU A 175 -7.22 -29.77 5.19
N ARG A 176 -8.01 -28.88 4.59
CA ARG A 176 -8.07 -28.56 3.15
C ARG A 176 -8.13 -27.03 2.97
N ASP A 177 -7.63 -26.49 1.85
CA ASP A 177 -7.72 -25.05 1.55
C ASP A 177 -9.17 -24.68 1.21
N THR A 178 -9.48 -23.40 1.26
CA THR A 178 -10.82 -22.85 0.91
C THR A 178 -10.82 -22.25 -0.51
N ILE A 179 -9.78 -22.43 -1.34
CA ILE A 179 -9.72 -21.65 -2.60
C ILE A 179 -10.46 -22.45 -3.67
N LEU A 180 -11.60 -21.93 -4.14
CA LEU A 180 -12.43 -22.55 -5.20
C LEU A 180 -11.55 -22.68 -6.45
N ASP A 181 -11.76 -23.68 -7.29
CA ASP A 181 -11.35 -23.66 -8.73
C ASP A 181 -12.57 -23.29 -9.58
N TRP A 182 -12.34 -23.09 -10.88
CA TRP A 182 -13.32 -22.63 -11.90
C TRP A 182 -14.67 -23.37 -11.78
N GLU A 183 -14.66 -24.66 -11.44
CA GLU A 183 -15.89 -25.49 -11.53
C GLU A 183 -16.51 -25.65 -10.15
N ASP A 184 -15.90 -25.02 -9.13
CA ASP A 184 -16.24 -25.27 -7.71
C ASP A 184 -17.46 -24.41 -7.34
N SER A 185 -18.52 -25.03 -6.81
CA SER A 185 -19.70 -24.40 -6.15
C SER A 185 -19.24 -23.53 -4.96
N LEU A 186 -19.76 -22.32 -4.91
CA LEU A 186 -19.51 -21.26 -3.89
C LEU A 186 -19.94 -21.77 -2.51
N PRO A 187 -19.24 -21.42 -1.40
CA PRO A 187 -19.70 -21.82 -0.06
C PRO A 187 -21.16 -21.45 0.21
N ASP A 188 -22.05 -22.45 0.37
CA ASP A 188 -23.52 -22.23 0.53
C ASP A 188 -23.84 -21.35 1.73
N ARG A 189 -23.07 -21.42 2.82
CA ARG A 189 -23.34 -20.55 3.99
C ARG A 189 -23.08 -19.09 3.56
N ASP A 190 -21.91 -18.81 2.95
CA ASP A 190 -21.48 -17.43 2.60
C ASP A 190 -22.39 -16.86 1.52
N LEU A 191 -22.76 -17.66 0.52
CA LEU A 191 -23.66 -17.20 -0.57
C LEU A 191 -25.09 -16.94 -0.06
N ALA A 192 -25.64 -17.76 0.82
CA ALA A 192 -27.00 -17.54 1.33
C ALA A 192 -27.02 -16.23 2.13
N LEU A 193 -26.06 -16.09 3.03
CA LEU A 193 -26.01 -14.85 3.84
C LEU A 193 -25.88 -13.67 2.88
N ALA A 194 -25.03 -13.80 1.86
CA ALA A 194 -24.75 -12.67 0.93
C ALA A 194 -26.00 -12.40 0.11
N ASP A 195 -26.68 -13.48 -0.33
CA ASP A 195 -27.98 -13.39 -1.04
C ASP A 195 -28.97 -12.61 -0.17
N GLU A 196 -29.15 -12.99 1.09
CA GLU A 196 -30.21 -12.35 1.92
C GLU A 196 -29.86 -10.86 2.11
N ALA A 197 -28.61 -10.55 2.47
CA ALA A 197 -28.16 -9.16 2.74
C ALA A 197 -28.23 -8.29 1.47
N SER A 198 -27.88 -8.81 0.29
CA SER A 198 -28.09 -8.10 -1.00
C SER A 198 -29.60 -7.79 -1.23
N ARG A 199 -30.49 -8.79 -1.06
CA ARG A 199 -31.95 -8.63 -1.34
C ARG A 199 -32.65 -7.64 -0.38
N ASN A 200 -32.36 -7.73 0.93
CA ASN A 200 -32.88 -6.80 1.95
C ASN A 200 -32.11 -5.48 1.98
N ALA A 201 -30.96 -5.33 1.30
CA ALA A 201 -30.31 -3.99 1.15
C ALA A 201 -31.25 -2.97 0.49
N ASP A 202 -31.26 -1.71 0.94
CA ASP A 202 -31.79 -0.57 0.14
C ASP A 202 -30.63 0.21 -0.50
N LEU A 203 -29.37 -0.14 -0.20
CA LEU A 203 -28.16 0.41 -0.89
C LEU A 203 -27.02 -0.62 -0.93
N SER A 204 -26.54 -0.89 -2.14
CA SER A 204 -25.37 -1.77 -2.46
C SER A 204 -24.34 -0.88 -3.18
N ILE A 205 -23.14 -0.78 -2.64
CA ILE A 205 -21.94 -0.04 -3.15
C ILE A 205 -20.88 -1.08 -3.52
N THR A 206 -20.55 -1.20 -4.80
CA THR A 206 -19.49 -2.10 -5.32
C THR A 206 -18.16 -1.30 -5.46
N LEU A 207 -17.03 -1.79 -4.94
CA LEU A 207 -15.70 -1.07 -4.91
C LEU A 207 -14.68 -2.00 -5.55
N GLY A 208 -14.09 -1.65 -6.69
CA GLY A 208 -12.93 -2.43 -7.23
C GLY A 208 -13.29 -3.86 -7.60
N THR A 209 -14.53 -4.08 -8.05
CA THR A 209 -14.93 -5.26 -8.87
C THR A 209 -15.46 -4.89 -10.28
N SER A 210 -15.12 -5.68 -11.30
CA SER A 210 -15.62 -5.56 -12.70
C SER A 210 -16.93 -6.36 -12.92
N LEU A 211 -17.32 -7.21 -12.02
CA LEU A 211 -18.70 -7.81 -11.87
C LEU A 211 -19.01 -8.85 -12.94
N GLN A 212 -17.99 -9.56 -13.42
CA GLN A 212 -18.00 -10.45 -14.60
C GLN A 212 -18.23 -11.89 -14.15
N ILE A 213 -18.03 -12.21 -12.87
CA ILE A 213 -18.08 -13.55 -12.26
C ILE A 213 -19.43 -13.68 -11.61
N ARG A 214 -20.07 -14.76 -11.99
CA ARG A 214 -21.45 -15.17 -11.61
C ARG A 214 -21.33 -16.34 -10.64
N PRO A 215 -22.08 -16.39 -9.52
CA PRO A 215 -23.10 -15.39 -9.19
C PRO A 215 -22.61 -14.13 -8.43
N SER A 216 -21.33 -14.09 -8.06
CA SER A 216 -20.71 -13.00 -7.24
C SER A 216 -21.11 -11.60 -7.73
N GLY A 217 -20.99 -11.39 -9.03
CA GLY A 217 -21.07 -10.07 -9.67
C GLY A 217 -22.49 -9.67 -9.92
N ASN A 218 -23.45 -10.60 -9.72
CA ASN A 218 -24.88 -10.33 -9.90
C ASN A 218 -25.47 -9.86 -8.58
N LEU A 219 -24.80 -10.11 -7.45
CA LEU A 219 -25.46 -9.88 -6.15
C LEU A 219 -25.89 -8.44 -6.02
N PRO A 220 -25.04 -7.44 -6.34
CA PRO A 220 -25.45 -6.05 -6.18
C PRO A 220 -26.82 -5.85 -6.87
N LEU A 221 -27.13 -6.51 -8.00
CA LEU A 221 -28.39 -6.31 -8.79
C LEU A 221 -29.64 -6.68 -7.98
N ALA A 222 -29.53 -7.59 -7.05
CA ALA A 222 -30.67 -8.04 -6.21
C ALA A 222 -31.17 -6.87 -5.36
N THR A 223 -30.33 -5.85 -5.14
CA THR A 223 -30.63 -4.70 -4.24
C THR A 223 -31.61 -3.78 -5.01
N LYS A 224 -31.48 -3.70 -6.33
CA LYS A 224 -32.32 -2.86 -7.20
C LYS A 224 -33.78 -3.35 -7.30
N ARG A 225 -34.09 -4.61 -7.00
CA ARG A 225 -35.51 -5.06 -6.91
C ARG A 225 -36.17 -4.36 -5.72
N ARG A 226 -37.48 -4.06 -5.82
CA ARG A 226 -38.29 -3.29 -4.82
C ARG A 226 -37.54 -2.03 -4.38
N GLY A 227 -36.73 -1.46 -5.28
CA GLY A 227 -36.52 0.00 -5.31
C GLY A 227 -35.19 0.40 -4.72
N GLY A 228 -34.25 -0.53 -4.52
CA GLY A 228 -32.94 -0.18 -3.93
C GLY A 228 -32.09 0.61 -4.90
N ARG A 229 -31.02 1.26 -4.41
CA ARG A 229 -30.03 2.04 -5.20
C ARG A 229 -28.72 1.23 -5.28
N LEU A 230 -28.06 1.24 -6.45
CA LEU A 230 -26.75 0.68 -6.72
C LEU A 230 -25.79 1.85 -7.09
N VAL A 231 -24.61 1.84 -6.47
CA VAL A 231 -23.42 2.70 -6.76
C VAL A 231 -22.25 1.76 -7.07
N ILE A 232 -21.71 1.90 -8.27
CA ILE A 232 -20.51 1.22 -8.77
C ILE A 232 -19.32 2.18 -8.63
N VAL A 233 -18.26 1.81 -7.91
CA VAL A 233 -16.96 2.57 -7.89
C VAL A 233 -15.88 1.72 -8.55
N ASN A 234 -15.29 2.24 -9.63
CA ASN A 234 -14.44 1.35 -10.47
C ASN A 234 -13.61 2.15 -11.46
N LEU A 235 -12.31 1.82 -11.61
CA LEU A 235 -11.49 2.55 -12.59
C LEU A 235 -11.91 2.19 -14.05
N GLN A 236 -12.15 0.92 -14.34
CA GLN A 236 -12.57 0.39 -15.66
C GLN A 236 -14.09 0.26 -15.66
N PRO A 237 -14.69 0.11 -16.85
CA PRO A 237 -16.09 -0.33 -16.94
C PRO A 237 -16.35 -1.67 -16.23
N THR A 238 -17.61 -1.98 -15.98
CA THR A 238 -18.01 -3.18 -15.23
C THR A 238 -19.23 -3.79 -15.90
N LYS A 239 -19.49 -5.06 -15.62
CA LYS A 239 -20.59 -5.78 -16.33
C LYS A 239 -21.86 -4.96 -16.21
N HIS A 240 -22.11 -4.35 -15.06
CA HIS A 240 -23.46 -3.81 -14.80
C HIS A 240 -23.56 -2.30 -14.86
N ASP A 241 -22.60 -1.53 -15.39
CA ASP A 241 -22.67 -0.05 -15.31
C ASP A 241 -24.09 0.45 -15.67
N ARG A 242 -24.75 -0.22 -16.63
CA ARG A 242 -26.10 0.14 -17.17
C ARG A 242 -27.10 0.30 -16.01
N HIS A 243 -26.95 -0.46 -14.92
CA HIS A 243 -27.97 -0.61 -13.86
C HIS A 243 -27.62 0.25 -12.64
N ALA A 244 -26.58 1.09 -12.72
CA ALA A 244 -26.04 1.90 -11.59
C ALA A 244 -26.85 3.17 -11.45
N ASP A 245 -27.24 3.58 -10.25
CA ASP A 245 -27.76 4.97 -10.04
C ASP A 245 -26.57 5.95 -10.07
N LEU A 246 -25.39 5.55 -9.59
CA LEU A 246 -24.18 6.43 -9.56
C LEU A 246 -22.98 5.58 -10.00
N ARG A 247 -22.09 6.16 -10.80
CA ARG A 247 -20.87 5.48 -11.25
C ARG A 247 -19.73 6.46 -10.94
N ILE A 248 -18.73 6.01 -10.24
CA ILE A 248 -17.58 6.91 -9.90
C ILE A 248 -16.36 6.23 -10.49
N HIS A 249 -15.67 6.96 -11.36
CA HIS A 249 -14.40 6.57 -11.98
C HIS A 249 -13.25 7.29 -11.28
N GLY A 250 -12.53 6.52 -10.48
CA GLY A 250 -11.64 7.03 -9.42
C GLY A 250 -11.12 5.92 -8.54
N TYR A 251 -9.91 6.17 -8.03
CA TYR A 251 -9.21 5.36 -7.00
C TYR A 251 -10.09 5.23 -5.80
N VAL A 252 -10.36 3.99 -5.35
CA VAL A 252 -11.17 3.63 -4.18
C VAL A 252 -10.67 4.37 -2.92
N ASP A 253 -9.37 4.65 -2.77
CA ASP A 253 -8.81 5.26 -1.50
C ASP A 253 -9.13 6.73 -1.53
N GLU A 254 -8.98 7.40 -2.68
CA GLU A 254 -9.41 8.81 -2.79
C GLU A 254 -10.94 8.85 -2.57
N VAL A 255 -11.74 8.12 -3.34
CA VAL A 255 -13.19 8.02 -3.05
C VAL A 255 -13.43 7.83 -1.55
N MET A 256 -12.85 6.85 -0.86
CA MET A 256 -13.35 6.50 0.48
C MET A 256 -12.86 7.46 1.56
N THR A 257 -11.73 8.18 1.41
CA THR A 257 -11.27 9.14 2.42
C THR A 257 -12.13 10.44 2.38
N ARG A 258 -12.57 10.91 1.20
CA ARG A 258 -13.48 12.03 0.96
C ARG A 258 -14.81 11.64 1.58
N LEU A 259 -15.21 10.38 1.38
CA LEU A 259 -16.51 9.91 1.94
C LEU A 259 -16.44 9.95 3.47
N MET A 260 -15.42 9.37 4.10
CA MET A 260 -15.34 9.39 5.58
C MET A 260 -15.35 10.84 6.14
N LYS A 261 -14.64 11.73 5.44
CA LYS A 261 -14.55 13.17 5.78
C LYS A 261 -15.96 13.76 5.72
N HIS A 262 -16.74 13.50 4.65
CA HIS A 262 -18.16 13.96 4.59
C HIS A 262 -18.94 13.37 5.78
N LEU A 263 -18.64 12.13 6.18
CA LEU A 263 -19.47 11.46 7.23
C LEU A 263 -18.99 11.93 8.62
N GLY A 264 -17.94 12.77 8.69
CA GLY A 264 -17.26 13.16 9.94
C GLY A 264 -16.67 12.01 10.73
N LEU A 265 -16.12 10.97 10.09
CA LEU A 265 -15.46 9.83 10.76
C LEU A 265 -13.99 9.82 10.41
N GLU A 266 -13.23 9.21 11.30
CA GLU A 266 -11.77 9.08 11.16
C GLU A 266 -11.49 7.66 10.66
N ILE A 267 -10.33 7.49 10.09
CA ILE A 267 -9.94 6.16 9.53
C ILE A 267 -9.00 5.52 10.53
N PRO A 268 -9.46 4.43 11.16
CA PRO A 268 -8.76 3.86 12.30
C PRO A 268 -7.40 3.20 12.02
N ALA A 269 -6.53 3.22 13.05
CA ALA A 269 -5.18 2.62 13.04
C ALA A 269 -5.29 1.11 12.83
N TRP A 270 -4.27 0.58 12.20
CA TRP A 270 -4.01 -0.87 12.07
C TRP A 270 -2.74 -1.21 12.82
N ASP A 271 -2.92 -2.03 13.86
CA ASP A 271 -1.89 -2.58 14.80
C ASP A 271 -1.55 -4.02 14.38
N GLY A 272 -1.54 -4.33 13.10
CA GLY A 272 -1.07 -5.64 12.64
C GLY A 272 -2.20 -6.68 12.66
N PRO A 273 -1.92 -7.92 12.20
CA PRO A 273 -2.97 -8.91 11.92
C PRO A 273 -3.77 -9.30 13.16
N ARG A 274 -5.10 -9.32 13.04
CA ARG A 274 -6.01 -9.69 14.13
C ARG A 274 -7.23 -10.42 13.56
N VAL A 275 -7.85 -11.29 14.31
CA VAL A 275 -9.11 -11.97 13.87
C VAL A 275 -10.20 -11.64 14.89
N LEU A 276 -11.32 -11.08 14.43
CA LEU A 276 -12.51 -10.95 15.25
C LEU A 276 -13.62 -11.85 14.71
N GLU A 277 -14.09 -12.76 15.53
CA GLU A 277 -15.12 -13.76 15.10
C GLU A 277 -16.44 -13.04 14.93
N ARG A 278 -16.80 -12.23 15.94
CA ARG A 278 -18.16 -11.70 16.20
C ARG A 278 -18.11 -10.19 16.37
N ALA A 279 -18.98 -9.49 15.65
CA ALA A 279 -19.12 -8.04 15.66
C ALA A 279 -19.45 -7.59 17.09
N LEU A 280 -18.81 -6.49 17.49
CA LEU A 280 -18.89 -5.89 18.85
C LEU A 280 -20.11 -4.98 18.82
N PRO A 281 -20.71 -4.54 19.96
CA PRO A 281 -21.84 -3.61 19.88
C PRO A 281 -21.53 -2.31 19.16
N PRO A 282 -22.52 -1.72 18.45
CA PRO A 282 -22.29 -0.48 17.69
C PRO A 282 -21.78 0.70 18.57
N LEU A 283 -20.88 1.52 18.01
CA LEU A 283 -20.35 2.75 18.66
C LEU A 283 -21.10 4.01 18.20
N PRO A 284 -20.97 5.12 18.93
CA PRO A 284 -21.56 6.38 18.51
C PRO A 284 -21.15 6.66 17.05
N ARG A 285 -21.99 7.43 16.33
CA ARG A 285 -21.72 8.10 15.02
C ARG A 285 -22.32 9.49 14.95
N PRO A 286 -21.77 10.42 14.13
CA PRO A 286 -22.27 11.81 14.10
C PRO A 286 -23.75 11.94 13.76
N PRO A 287 -24.43 13.05 14.14
CA PRO A 287 -25.81 13.23 13.74
C PRO A 287 -25.83 13.58 12.24
N THR A 288 -27.01 13.47 11.64
CA THR A 288 -27.17 13.53 10.13
C THR A 288 -27.44 14.95 9.65
N PRO A 289 -27.00 15.31 8.43
CA PRO A 289 -27.42 16.57 7.83
C PRO A 289 -28.91 16.56 7.55
N LYS A 290 -29.48 17.77 7.49
CA LYS A 290 -30.82 17.96 6.91
C LYS A 290 -30.70 17.77 5.40
N LEU A 291 -31.64 17.05 4.81
CA LEU A 291 -31.70 16.87 3.35
C LEU A 291 -33.08 17.32 2.86
N GLU A 292 -33.15 18.48 2.22
CA GLU A 292 -34.32 18.97 1.44
C GLU A 292 -35.46 19.40 2.37
N LYS B 9 19.42 5.95 -18.91
CA LYS B 9 18.38 5.30 -18.06
C LYS B 9 18.90 3.96 -17.49
N GLY B 10 20.16 3.62 -17.76
CA GLY B 10 20.89 2.51 -17.13
C GLY B 10 20.27 1.15 -17.35
N LYS B 11 20.66 0.19 -16.52
CA LYS B 11 20.15 -1.19 -16.66
C LYS B 11 18.74 -1.24 -16.10
N CYS B 12 17.76 -1.62 -16.92
CA CYS B 12 16.32 -1.57 -16.57
C CYS B 12 15.69 -2.96 -16.64
N GLY B 13 15.03 -3.40 -15.58
CA GLY B 13 14.32 -4.71 -15.60
C GLY B 13 15.25 -5.93 -15.51
N LEU B 14 16.23 -5.91 -14.62
CA LEU B 14 17.03 -7.13 -14.32
C LEU B 14 16.12 -8.07 -13.52
N PRO B 15 16.41 -9.38 -13.51
CA PRO B 15 15.52 -10.33 -12.88
C PRO B 15 15.70 -10.20 -11.35
N GLU B 16 14.73 -10.67 -10.57
CA GLU B 16 14.74 -10.45 -9.09
C GLU B 16 15.36 -11.63 -8.35
N ILE B 17 16.03 -11.38 -7.24
CA ILE B 17 16.61 -12.46 -6.39
C ILE B 17 15.73 -12.58 -5.13
N PHE B 18 15.43 -13.80 -4.69
CA PHE B 18 14.68 -14.05 -3.41
C PHE B 18 15.43 -14.98 -2.47
N ASP B 19 15.97 -14.41 -1.39
CA ASP B 19 16.62 -15.16 -0.31
C ASP B 19 15.60 -16.18 0.20
N PRO B 20 15.97 -17.45 0.45
CA PRO B 20 15.05 -18.39 1.09
C PRO B 20 14.85 -18.05 2.57
N PRO B 21 13.73 -18.56 3.18
CA PRO B 21 13.24 -18.16 4.48
C PRO B 21 14.30 -18.18 5.60
N GLU B 22 15.18 -19.20 5.68
CA GLU B 22 16.15 -19.33 6.80
C GLU B 22 17.29 -18.33 6.63
N GLU B 23 17.78 -18.17 5.40
CA GLU B 23 18.87 -17.24 5.06
C GLU B 23 18.35 -15.83 5.34
N LEU B 24 17.15 -15.50 4.88
CA LEU B 24 16.51 -14.15 5.10
C LEU B 24 16.47 -13.91 6.62
N GLU B 25 16.05 -14.91 7.40
CA GLU B 25 15.90 -14.75 8.87
C GLU B 25 17.26 -14.44 9.50
N ARG B 26 18.29 -15.13 9.03
CA ARG B 26 19.68 -14.96 9.55
C ARG B 26 20.28 -13.63 9.09
N LYS B 27 19.96 -13.12 7.91
CA LYS B 27 20.53 -11.81 7.44
C LYS B 27 19.95 -10.65 8.26
N VAL B 28 18.69 -10.74 8.64
CA VAL B 28 18.00 -9.62 9.34
C VAL B 28 18.45 -9.65 10.79
N TRP B 29 18.72 -10.84 11.35
CA TRP B 29 19.31 -10.93 12.69
C TRP B 29 20.63 -10.16 12.73
N GLU B 30 21.37 -10.19 11.62
CA GLU B 30 22.76 -9.72 11.54
C GLU B 30 22.75 -8.22 11.32
N LEU B 31 21.75 -7.77 10.55
CA LEU B 31 21.47 -6.33 10.39
C LEU B 31 21.14 -5.78 11.79
N ALA B 32 20.27 -6.47 12.51
CA ALA B 32 19.98 -6.07 13.91
C ALA B 32 21.29 -5.85 14.66
N ARG B 33 22.24 -6.79 14.58
CA ARG B 33 23.57 -6.80 15.29
C ARG B 33 24.41 -5.58 14.86
N LEU B 34 24.46 -5.28 13.56
CA LEU B 34 25.14 -4.09 12.99
C LEU B 34 24.48 -2.79 13.51
N VAL B 35 23.17 -2.77 13.71
CA VAL B 35 22.45 -1.54 14.20
C VAL B 35 22.84 -1.34 15.66
N TRP B 36 22.77 -2.40 16.47
CA TRP B 36 23.20 -2.37 17.90
C TRP B 36 24.64 -1.86 18.09
N GLN B 37 25.59 -2.20 17.22
CA GLN B 37 27.02 -1.90 17.50
C GLN B 37 27.45 -0.61 16.82
N SER B 38 26.57 0.03 16.07
CA SER B 38 26.94 1.17 15.21
C SER B 38 26.58 2.44 15.94
N SER B 39 27.49 3.41 15.90
CA SER B 39 27.33 4.75 16.48
C SER B 39 26.46 5.66 15.62
N SER B 40 26.70 5.66 14.31
CA SER B 40 26.18 6.71 13.41
C SER B 40 25.69 6.05 12.12
N VAL B 41 24.38 5.84 12.05
CA VAL B 41 23.66 5.05 11.02
C VAL B 41 22.97 6.02 10.05
N VAL B 42 23.20 5.83 8.76
CA VAL B 42 22.51 6.54 7.65
C VAL B 42 21.74 5.53 6.80
N PHE B 43 20.59 5.98 6.33
CA PHE B 43 19.64 5.19 5.53
C PHE B 43 19.61 5.95 4.23
N HIS B 44 19.75 5.18 3.16
CA HIS B 44 19.80 5.68 1.76
C HIS B 44 18.59 5.05 1.07
N THR B 45 17.56 5.82 0.75
CA THR B 45 16.32 5.22 0.16
C THR B 45 16.20 5.61 -1.31
N GLY B 46 15.36 4.84 -2.01
CA GLY B 46 14.98 5.01 -3.40
C GLY B 46 13.59 4.42 -3.62
N ALA B 47 13.13 4.55 -4.85
CA ALA B 47 11.76 4.36 -5.36
C ALA B 47 11.14 3.01 -4.94
N GLY B 48 11.98 2.03 -4.57
CA GLY B 48 11.59 0.67 -4.15
C GLY B 48 10.84 0.69 -2.83
N ILE B 49 11.12 1.64 -1.94
CA ILE B 49 10.38 1.71 -0.63
C ILE B 49 8.93 2.22 -0.79
N SER B 50 8.48 2.57 -1.99
CA SER B 50 7.12 3.15 -2.17
C SER B 50 6.24 2.24 -3.03
N THR B 51 6.83 1.20 -3.67
CA THR B 51 6.09 0.29 -4.58
C THR B 51 4.90 -0.35 -3.84
N ALA B 52 4.99 -0.68 -2.56
CA ALA B 52 3.86 -1.30 -1.77
C ALA B 52 2.79 -0.24 -1.40
N SER B 53 2.88 1.00 -1.89
CA SER B 53 1.78 1.97 -1.81
C SER B 53 1.20 2.27 -3.21
N GLY B 54 1.60 1.55 -4.26
CA GLY B 54 1.05 1.66 -5.63
C GLY B 54 1.77 2.72 -6.45
N ILE B 55 2.94 3.21 -6.02
CA ILE B 55 3.76 4.07 -6.94
C ILE B 55 4.82 3.17 -7.58
N PRO B 56 4.88 3.02 -8.92
CA PRO B 56 5.91 2.17 -9.51
C PRO B 56 7.35 2.70 -9.31
N ASP B 57 8.38 1.83 -9.29
CA ASP B 57 9.84 2.20 -9.36
C ASP B 57 10.21 2.58 -10.83
N PHE B 58 11.49 2.82 -11.13
CA PHE B 58 11.97 3.26 -12.48
C PHE B 58 12.56 2.06 -13.24
N ARG B 59 13.20 1.09 -12.57
CA ARG B 59 14.09 0.02 -13.17
C ARG B 59 13.66 -1.43 -12.82
N GLY B 60 12.67 -1.61 -11.95
CA GLY B 60 12.03 -2.91 -11.61
C GLY B 60 11.38 -3.56 -12.84
N PRO B 61 11.07 -4.89 -12.85
CA PRO B 61 10.32 -5.53 -13.93
C PRO B 61 9.24 -4.67 -14.59
N HIS B 62 8.42 -3.97 -13.80
CA HIS B 62 7.31 -3.05 -14.22
C HIS B 62 7.65 -1.58 -13.90
N GLY B 63 8.93 -1.27 -13.73
CA GLY B 63 9.28 0.15 -13.51
C GLY B 63 9.02 1.04 -14.72
N VAL B 64 8.91 2.36 -14.50
CA VAL B 64 8.62 3.41 -15.54
C VAL B 64 9.54 3.27 -16.76
N TRP B 65 10.85 3.50 -16.57
CA TRP B 65 11.84 3.37 -17.67
C TRP B 65 11.69 1.97 -18.30
N THR B 66 11.72 0.89 -17.51
CA THR B 66 11.53 -0.52 -17.95
C THR B 66 10.32 -0.66 -18.90
N MET B 67 9.22 0.01 -18.63
CA MET B 67 7.96 -0.18 -19.39
C MET B 67 7.98 0.67 -20.68
N GLU B 68 8.54 1.89 -20.60
CA GLU B 68 8.97 2.77 -21.72
C GLU B 68 9.80 1.97 -22.76
N GLU B 69 10.99 1.50 -22.37
CA GLU B 69 11.83 0.55 -23.15
C GLU B 69 10.95 -0.48 -23.86
N ARG B 70 9.98 -1.14 -23.19
CA ARG B 70 9.10 -2.17 -23.85
C ARG B 70 7.87 -1.53 -24.51
N GLY B 71 7.80 -0.20 -24.53
CA GLY B 71 6.68 0.52 -25.17
C GLY B 71 5.36 0.18 -24.49
N LEU B 72 5.38 -0.10 -23.19
CA LEU B 72 4.17 -0.21 -22.34
C LEU B 72 4.17 0.95 -21.33
N ALA B 73 3.07 1.14 -20.60
CA ALA B 73 2.90 2.28 -19.67
C ALA B 73 3.12 1.81 -18.23
N PRO B 74 3.71 2.63 -17.33
CA PRO B 74 3.67 2.34 -15.89
C PRO B 74 2.24 2.42 -15.38
N LYS B 75 1.97 1.75 -14.27
CA LYS B 75 0.62 1.73 -13.63
C LYS B 75 0.70 2.33 -12.21
N PHE B 76 -0.09 3.38 -11.94
CA PHE B 76 -0.37 3.91 -10.58
C PHE B 76 -1.71 3.37 -10.07
N ASP B 77 -1.68 2.79 -8.86
CA ASP B 77 -2.82 2.14 -8.16
C ASP B 77 -3.28 3.16 -7.13
N THR B 78 -2.58 4.31 -7.04
CA THR B 78 -3.03 5.53 -6.25
C THR B 78 -2.71 6.86 -6.95
N THR B 79 -3.11 7.99 -6.34
CA THR B 79 -2.57 9.35 -6.69
C THR B 79 -1.49 9.74 -5.70
N PHE B 80 -0.68 10.75 -5.98
CA PHE B 80 0.44 11.11 -5.07
C PHE B 80 -0.09 11.68 -3.75
N GLU B 81 -1.26 12.32 -3.87
CA GLU B 81 -2.01 12.94 -2.76
C GLU B 81 -2.62 11.87 -1.86
N SER B 82 -3.05 10.73 -2.43
CA SER B 82 -3.79 9.68 -1.70
C SER B 82 -2.82 8.60 -1.20
N ALA B 83 -1.60 8.59 -1.70
CA ALA B 83 -0.57 7.56 -1.40
C ALA B 83 -0.35 7.54 0.12
N ARG B 84 -0.25 6.37 0.75
CA ARG B 84 0.02 6.36 2.21
C ARG B 84 1.46 5.87 2.40
N PRO B 85 2.23 6.52 3.31
CA PRO B 85 3.51 5.98 3.79
C PRO B 85 3.39 4.48 4.09
N THR B 86 4.40 3.67 3.71
CA THR B 86 4.47 2.23 3.90
C THR B 86 4.95 1.98 5.33
N GLN B 87 4.84 0.73 5.76
CA GLN B 87 5.61 0.19 6.92
C GLN B 87 7.07 0.67 6.87
N THR B 88 7.78 0.50 5.78
CA THR B 88 9.18 1.00 5.75
C THR B 88 9.24 2.46 6.17
N HIS B 89 8.39 3.34 5.62
CA HIS B 89 8.38 4.80 5.87
C HIS B 89 8.15 5.06 7.37
N MET B 90 7.21 4.36 8.01
CA MET B 90 6.94 4.62 9.44
C MET B 90 8.00 4.00 10.37
N ALA B 91 8.66 2.92 9.97
CA ALA B 91 9.71 2.30 10.81
C ALA B 91 10.89 3.30 10.91
N LEU B 92 11.11 4.11 9.87
CA LEU B 92 12.25 5.08 9.75
C LEU B 92 11.89 6.34 10.54
N VAL B 93 10.59 6.58 10.76
CA VAL B 93 10.11 7.70 11.62
C VAL B 93 10.53 7.34 13.05
N GLN B 94 10.14 6.13 13.46
CA GLN B 94 10.43 5.53 14.78
C GLN B 94 11.94 5.44 15.03
N LEU B 95 12.73 5.01 14.07
CA LEU B 95 14.18 4.79 14.33
C LEU B 95 14.83 6.17 14.51
N GLU B 96 14.36 7.22 13.80
CA GLU B 96 14.91 8.60 14.01
C GLU B 96 14.47 9.07 15.40
N ARG B 97 13.26 8.70 15.83
CA ARG B 97 12.69 9.27 17.09
C ARG B 97 13.40 8.72 18.30
N VAL B 98 13.91 7.49 18.23
CA VAL B 98 14.58 6.89 19.41
C VAL B 98 16.09 7.14 19.30
N GLY B 99 16.52 7.80 18.23
CA GLY B 99 17.92 8.24 18.03
C GLY B 99 18.80 7.13 17.47
N LEU B 100 18.24 6.06 16.85
CA LEU B 100 19.06 5.00 16.20
C LEU B 100 19.45 5.39 14.76
N LEU B 101 18.70 6.30 14.16
CA LEU B 101 18.95 6.87 12.82
C LEU B 101 19.60 8.24 12.98
N ARG B 102 20.82 8.44 12.47
CA ARG B 102 21.47 9.78 12.40
C ARG B 102 20.88 10.64 11.28
N PHE B 103 20.86 10.16 10.03
CA PHE B 103 20.49 10.99 8.85
C PHE B 103 19.80 10.12 7.82
N LEU B 104 18.95 10.74 7.00
CA LEU B 104 18.23 10.01 5.94
C LEU B 104 18.57 10.67 4.61
N VAL B 105 19.15 9.89 3.71
CA VAL B 105 19.34 10.31 2.28
C VAL B 105 18.29 9.67 1.36
N SER B 106 17.46 10.49 0.68
CA SER B 106 16.51 9.93 -0.31
C SER B 106 16.62 10.52 -1.71
N GLN B 107 16.44 9.64 -2.68
CA GLN B 107 16.37 9.95 -4.12
C GLN B 107 14.90 10.13 -4.53
N ASN B 108 13.94 9.93 -3.61
CA ASN B 108 12.50 9.92 -4.01
C ASN B 108 11.94 11.34 -4.12
N VAL B 109 11.18 11.55 -5.19
CA VAL B 109 10.41 12.79 -5.47
C VAL B 109 8.96 12.63 -4.99
N ASP B 110 8.54 11.40 -4.61
CA ASP B 110 7.13 11.01 -4.21
C ASP B 110 6.59 11.83 -3.03
N GLY B 111 7.45 12.54 -2.30
CA GLY B 111 7.04 13.41 -1.17
C GLY B 111 6.48 12.73 0.12
N LEU B 112 6.78 11.49 0.44
CA LEU B 112 6.10 10.69 1.49
C LEU B 112 6.93 10.69 2.77
N HIS B 113 8.25 10.69 2.65
CA HIS B 113 9.17 10.97 3.77
C HIS B 113 8.62 12.12 4.58
N VAL B 114 8.37 13.27 3.94
CA VAL B 114 7.87 14.52 4.60
C VAL B 114 6.43 14.25 5.07
N ARG B 115 5.63 13.62 4.22
CA ARG B 115 4.21 13.41 4.61
C ARG B 115 4.14 12.47 5.82
N SER B 116 5.13 11.57 5.96
CA SER B 116 5.22 10.58 7.06
C SER B 116 5.48 11.30 8.39
N GLY B 117 5.91 12.56 8.32
CA GLY B 117 6.25 13.40 9.46
C GLY B 117 7.71 13.28 9.82
N PHE B 118 8.51 12.75 8.89
CA PHE B 118 9.95 12.58 9.21
C PHE B 118 10.54 14.02 9.24
N PRO B 119 11.45 14.36 10.22
CA PRO B 119 12.04 15.70 10.30
C PRO B 119 12.95 16.10 9.13
N ARG B 120 12.60 17.22 8.51
CA ARG B 120 13.25 17.81 7.31
C ARG B 120 14.73 18.09 7.61
N ASP B 121 15.11 18.44 8.84
CA ASP B 121 16.55 18.76 9.08
C ASP B 121 17.33 17.47 9.17
N LYS B 122 16.71 16.28 9.05
CA LYS B 122 17.56 15.08 9.02
C LYS B 122 17.46 14.31 7.72
N LEU B 123 16.77 14.91 6.74
CA LEU B 123 16.49 14.37 5.40
C LEU B 123 17.27 15.13 4.33
N ALA B 124 17.89 14.45 3.37
CA ALA B 124 18.27 15.10 2.11
C ALA B 124 17.40 14.54 0.98
N GLU B 125 16.68 15.45 0.27
CA GLU B 125 15.87 15.20 -0.93
C GLU B 125 16.74 15.52 -2.16
N LEU B 126 17.59 14.57 -2.51
CA LEU B 126 18.61 14.70 -3.58
C LEU B 126 17.98 15.08 -4.92
N HIS B 127 16.78 14.58 -5.27
CA HIS B 127 16.16 14.75 -6.61
C HIS B 127 14.89 15.64 -6.59
N GLY B 128 14.61 16.29 -5.45
CA GLY B 128 13.50 17.21 -5.20
C GLY B 128 12.25 16.50 -4.65
N ASN B 129 11.16 17.26 -4.57
CA ASN B 129 9.87 16.91 -3.88
C ASN B 129 8.74 17.55 -4.68
N MET B 130 7.77 16.71 -5.10
CA MET B 130 6.72 17.09 -6.08
C MET B 130 5.69 18.00 -5.44
N PHE B 131 5.67 18.01 -4.11
CA PHE B 131 4.81 18.88 -3.27
C PHE B 131 5.57 20.18 -2.91
N VAL B 132 6.83 20.35 -3.31
CA VAL B 132 7.66 21.51 -2.83
C VAL B 132 7.88 22.50 -3.97
N GLU B 133 7.54 23.77 -3.73
CA GLU B 133 8.00 24.89 -4.59
C GLU B 133 8.87 25.88 -3.81
N GLU B 134 9.82 26.45 -4.55
CA GLU B 134 10.92 27.29 -4.03
C GLU B 134 10.91 28.67 -4.71
N CYS B 135 10.86 29.77 -3.95
CA CYS B 135 11.02 31.15 -4.48
C CYS B 135 12.44 31.27 -5.07
N ALA B 136 12.55 31.62 -6.35
CA ALA B 136 13.82 31.94 -7.05
C ALA B 136 14.53 33.12 -6.36
N LYS B 137 13.76 34.06 -5.77
CA LYS B 137 14.30 35.30 -5.15
C LYS B 137 14.93 34.99 -3.78
N CYS B 138 14.18 34.53 -2.79
CA CYS B 138 14.60 34.51 -1.36
C CYS B 138 14.95 33.10 -0.87
N LYS B 139 14.86 32.12 -1.79
CA LYS B 139 15.12 30.67 -1.58
C LYS B 139 14.13 30.02 -0.58
N THR B 140 13.11 30.73 -0.07
CA THR B 140 12.09 30.12 0.84
C THR B 140 11.28 29.07 0.07
N GLN B 141 11.13 27.87 0.64
CA GLN B 141 10.35 26.72 0.09
C GLN B 141 8.99 26.58 0.78
N TYR B 142 8.05 25.97 0.09
CA TYR B 142 6.69 25.83 0.62
C TYR B 142 6.29 24.38 0.40
N VAL B 143 5.84 23.68 1.42
CA VAL B 143 5.44 22.24 1.29
C VAL B 143 3.93 22.24 1.10
N ARG B 144 3.40 21.79 -0.05
CA ARG B 144 1.97 22.01 -0.41
C ARG B 144 1.21 20.72 -0.13
N ASP B 145 -0.13 20.75 -0.14
CA ASP B 145 -0.94 19.53 0.07
C ASP B 145 -1.21 18.80 -1.24
N THR B 146 -1.01 19.46 -2.38
CA THR B 146 -1.09 18.86 -3.73
C THR B 146 0.24 19.05 -4.44
N VAL B 147 0.56 18.14 -5.39
CA VAL B 147 1.75 18.19 -6.29
C VAL B 147 1.73 19.57 -6.99
N VAL B 148 2.89 20.21 -7.28
CA VAL B 148 2.92 21.66 -7.63
C VAL B 148 2.63 21.86 -9.13
N GLY B 149 2.72 20.80 -9.95
CA GLY B 149 2.14 20.76 -11.31
C GLY B 149 3.21 20.81 -12.41
N THR B 150 4.44 21.25 -12.10
CA THR B 150 5.55 21.38 -13.07
C THR B 150 6.74 20.47 -12.67
N MET B 151 7.57 20.10 -13.66
CA MET B 151 8.90 19.46 -13.48
C MET B 151 9.95 20.29 -14.22
N GLY B 152 11.20 20.24 -13.74
CA GLY B 152 12.39 20.78 -14.41
C GLY B 152 12.83 22.14 -13.88
N LEU B 153 12.28 22.55 -12.73
CA LEU B 153 12.63 23.79 -11.98
C LEU B 153 12.05 24.97 -12.75
N LYS B 154 10.84 24.74 -13.26
CA LYS B 154 10.05 25.71 -14.04
C LYS B 154 9.08 26.41 -13.09
N ALA B 155 8.58 27.54 -13.57
CA ALA B 155 7.65 28.43 -12.85
C ALA B 155 6.29 27.73 -12.69
N THR B 156 5.70 27.78 -11.50
CA THR B 156 4.44 27.05 -11.16
C THR B 156 3.25 27.95 -11.37
N GLY B 157 3.53 29.25 -11.53
CA GLY B 157 2.53 30.32 -11.68
C GLY B 157 2.01 30.84 -10.37
N ARG B 158 2.47 30.33 -9.21
CA ARG B 158 2.31 31.07 -7.93
C ARG B 158 3.55 31.94 -7.66
N LEU B 159 3.38 32.93 -6.78
CA LEU B 159 4.34 34.03 -6.46
C LEU B 159 4.63 34.00 -4.96
N CYS B 160 5.75 34.56 -4.49
CA CYS B 160 6.12 34.42 -3.06
C CYS B 160 5.21 35.33 -2.22
N THR B 161 5.03 34.98 -0.94
CA THR B 161 4.23 35.69 0.09
C THR B 161 5.12 35.91 1.31
N VAL B 162 6.44 35.88 1.15
CA VAL B 162 7.36 36.29 2.26
C VAL B 162 7.49 37.81 2.20
N ALA B 163 7.19 38.49 3.32
CA ALA B 163 7.60 39.89 3.61
C ALA B 163 8.46 39.89 4.88
N CYS B 171 7.78 40.01 -0.96
CA CYS B 171 8.79 39.45 -1.89
C CYS B 171 8.18 39.22 -3.29
N ARG B 172 7.02 38.58 -3.36
CA ARG B 172 6.27 38.40 -4.62
C ARG B 172 7.16 37.73 -5.68
N GLY B 173 8.21 37.01 -5.29
CA GLY B 173 9.14 36.32 -6.22
C GLY B 173 8.50 35.15 -6.95
N GLU B 174 9.20 34.63 -7.98
CA GLU B 174 8.64 33.54 -8.82
C GLU B 174 8.86 32.20 -8.08
N LEU B 175 7.79 31.44 -7.82
CA LEU B 175 7.84 30.05 -7.26
C LEU B 175 8.01 29.01 -8.37
N ARG B 176 8.92 28.06 -8.14
CA ARG B 176 9.46 27.10 -9.13
C ARG B 176 9.46 25.69 -8.51
N ASP B 177 9.25 24.65 -9.34
CA ASP B 177 9.23 23.24 -8.85
C ASP B 177 10.65 22.90 -8.43
N THR B 178 10.82 21.85 -7.62
CA THR B 178 12.15 21.34 -7.20
C THR B 178 12.59 20.09 -7.98
N ILE B 179 11.90 19.67 -9.04
CA ILE B 179 12.21 18.37 -9.70
C ILE B 179 13.35 18.54 -10.71
N LEU B 180 14.55 18.12 -10.35
CA LEU B 180 15.75 18.14 -11.22
C LEU B 180 15.35 17.53 -12.57
N ASP B 181 15.95 18.03 -13.63
CA ASP B 181 16.00 17.29 -14.92
C ASP B 181 17.39 16.70 -15.04
N TRP B 182 17.63 16.00 -16.14
CA TRP B 182 18.82 15.19 -16.38
C TRP B 182 20.07 16.05 -16.23
N GLU B 183 20.06 17.31 -16.66
CA GLU B 183 21.33 18.07 -16.82
C GLU B 183 21.54 18.97 -15.61
N ASP B 184 20.57 18.95 -14.68
CA ASP B 184 20.44 19.87 -13.51
C ASP B 184 21.30 19.34 -12.37
N SER B 185 22.25 20.14 -11.88
CA SER B 185 23.00 19.86 -10.63
C SER B 185 22.04 19.60 -9.45
N LEU B 186 22.46 18.72 -8.53
CA LEU B 186 21.79 18.36 -7.24
C LEU B 186 21.85 19.56 -6.30
N PRO B 187 20.78 19.80 -5.49
CA PRO B 187 20.79 20.86 -4.49
C PRO B 187 21.96 20.80 -3.49
N ASP B 188 22.79 21.84 -3.51
CA ASP B 188 24.16 21.87 -2.90
C ASP B 188 24.04 21.69 -1.36
N ARG B 189 22.99 22.26 -0.76
CA ARG B 189 22.66 22.09 0.69
C ARG B 189 22.40 20.61 0.98
N ASP B 190 21.42 19.99 0.30
CA ASP B 190 21.01 18.57 0.52
C ASP B 190 22.17 17.60 0.22
N LEU B 191 23.03 17.90 -0.76
CA LEU B 191 24.18 17.03 -1.17
C LEU B 191 25.31 17.17 -0.16
N ALA B 192 25.52 18.38 0.37
CA ALA B 192 26.59 18.67 1.34
C ALA B 192 26.26 17.92 2.64
N LEU B 193 25.05 18.05 3.14
CA LEU B 193 24.68 17.35 4.40
C LEU B 193 24.65 15.85 4.09
N ALA B 194 24.17 15.43 2.91
CA ALA B 194 24.16 13.99 2.53
C ALA B 194 25.60 13.42 2.56
N ASP B 195 26.56 14.19 2.05
CA ASP B 195 27.99 13.78 1.91
C ASP B 195 28.65 13.69 3.28
N GLU B 196 28.55 14.77 4.06
CA GLU B 196 28.99 14.82 5.49
C GLU B 196 28.49 13.55 6.20
N ALA B 197 27.17 13.32 6.17
CA ALA B 197 26.50 12.25 6.93
C ALA B 197 27.01 10.88 6.46
N SER B 198 27.10 10.70 5.14
CA SER B 198 27.66 9.47 4.52
C SER B 198 29.13 9.28 4.95
N ARG B 199 29.94 10.34 4.97
CA ARG B 199 31.39 10.25 5.28
C ARG B 199 31.58 9.88 6.77
N ASN B 200 30.77 10.42 7.66
CA ASN B 200 30.99 10.32 9.13
C ASN B 200 30.18 9.18 9.75
N ALA B 201 29.49 8.39 8.93
CA ALA B 201 28.77 7.16 9.35
C ALA B 201 29.76 6.00 9.53
N ASP B 202 29.37 4.95 10.25
CA ASP B 202 30.06 3.69 10.45
C ASP B 202 29.16 2.59 9.91
N LEU B 203 27.89 2.91 9.75
CA LEU B 203 26.93 2.05 9.02
C LEU B 203 26.01 2.90 8.11
N SER B 204 26.04 2.56 6.83
CA SER B 204 25.17 2.99 5.68
C SER B 204 24.27 1.83 5.20
N ILE B 205 22.94 1.94 5.36
CA ILE B 205 21.96 0.89 4.90
C ILE B 205 21.16 1.44 3.69
N THR B 206 21.19 0.77 2.52
CA THR B 206 20.38 1.17 1.31
C THR B 206 19.10 0.31 1.24
N LEU B 207 17.94 0.92 0.91
CA LEU B 207 16.57 0.30 0.86
C LEU B 207 15.94 0.65 -0.49
N GLY B 208 15.64 -0.33 -1.34
CA GLY B 208 14.91 -0.10 -2.62
C GLY B 208 15.58 0.93 -3.52
N THR B 209 16.91 0.91 -3.66
CA THR B 209 17.64 1.65 -4.73
C THR B 209 18.59 0.70 -5.50
N SER B 210 18.62 0.81 -6.84
CA SER B 210 19.58 0.13 -7.73
C SER B 210 20.96 0.84 -7.74
N LEU B 211 21.05 2.10 -7.30
CA LEU B 211 22.36 2.78 -7.05
C LEU B 211 23.09 3.04 -8.38
N GLN B 212 22.37 3.25 -9.48
CA GLN B 212 23.00 3.50 -10.79
C GLN B 212 23.15 5.00 -11.04
N ILE B 213 22.61 5.89 -10.19
CA ILE B 213 22.65 7.37 -10.43
C ILE B 213 23.79 7.97 -9.61
N ARG B 214 24.64 8.79 -10.24
CA ARG B 214 25.82 9.37 -9.56
C ARG B 214 25.59 10.87 -9.48
N PRO B 215 25.81 11.51 -8.32
CA PRO B 215 26.50 10.87 -7.19
C PRO B 215 25.64 10.16 -6.13
N SER B 216 24.32 10.37 -6.21
CA SER B 216 23.31 9.78 -5.27
C SER B 216 23.70 8.36 -4.88
N GLY B 217 23.88 7.50 -5.88
CA GLY B 217 24.17 6.06 -5.73
C GLY B 217 25.59 5.74 -5.28
N ASN B 218 26.51 6.74 -5.31
CA ASN B 218 27.92 6.61 -4.85
C ASN B 218 28.07 6.95 -3.34
N LEU B 219 27.18 7.75 -2.76
CA LEU B 219 27.29 8.16 -1.33
C LEU B 219 27.45 6.99 -0.36
N PRO B 220 26.66 5.90 -0.40
CA PRO B 220 26.83 4.83 0.58
C PRO B 220 28.28 4.32 0.65
N LEU B 221 29.01 4.44 -0.47
CA LEU B 221 30.41 3.95 -0.60
C LEU B 221 31.33 4.78 0.27
N ALA B 222 31.05 6.06 0.50
CA ALA B 222 31.90 6.94 1.35
C ALA B 222 31.94 6.43 2.82
N THR B 223 30.97 5.58 3.21
CA THR B 223 30.89 5.04 4.60
C THR B 223 32.06 4.04 4.80
N LYS B 224 32.28 3.18 3.80
CA LYS B 224 33.33 2.13 3.76
C LYS B 224 34.74 2.73 3.98
N ARG B 225 35.05 3.93 3.47
CA ARG B 225 36.35 4.59 3.75
C ARG B 225 36.48 4.78 5.27
N ARG B 226 37.68 4.54 5.79
CA ARG B 226 38.02 4.37 7.24
C ARG B 226 37.05 3.36 7.88
N GLY B 227 36.64 2.34 7.09
CA GLY B 227 36.21 1.02 7.61
C GLY B 227 34.81 0.98 8.19
N GLY B 228 33.90 1.82 7.70
CA GLY B 228 32.46 1.65 7.98
C GLY B 228 31.92 0.40 7.32
N ARG B 229 30.77 -0.12 7.78
CA ARG B 229 30.01 -1.20 7.09
C ARG B 229 28.89 -0.65 6.18
N LEU B 230 28.55 -1.44 5.16
CA LEU B 230 27.47 -1.09 4.20
C LEU B 230 26.54 -2.31 4.07
N VAL B 231 25.22 -2.11 4.28
CA VAL B 231 24.14 -3.12 3.99
C VAL B 231 23.29 -2.71 2.77
N ILE B 232 23.12 -3.63 1.80
CA ILE B 232 22.29 -3.36 0.60
C ILE B 232 21.05 -4.27 0.67
N VAL B 233 19.86 -3.68 0.61
CA VAL B 233 18.57 -4.41 0.71
C VAL B 233 17.82 -4.06 -0.57
N ASN B 234 17.61 -5.05 -1.43
CA ASN B 234 17.08 -4.81 -2.80
C ASN B 234 16.62 -6.14 -3.40
N LEU B 235 15.52 -6.10 -4.14
CA LEU B 235 15.10 -7.26 -4.96
C LEU B 235 16.05 -7.54 -6.15
N GLN B 236 16.39 -6.56 -6.96
CA GLN B 236 17.28 -6.76 -8.13
C GLN B 236 18.69 -6.56 -7.63
N PRO B 237 19.70 -6.90 -8.45
CA PRO B 237 21.06 -6.45 -8.25
C PRO B 237 21.20 -4.93 -8.17
N THR B 238 22.38 -4.45 -7.84
CA THR B 238 22.65 -2.99 -7.71
C THR B 238 24.07 -2.73 -8.16
N LYS B 239 24.42 -1.50 -8.55
CA LYS B 239 25.78 -1.18 -9.08
C LYS B 239 26.90 -1.74 -8.20
N HIS B 240 26.72 -1.74 -6.86
CA HIS B 240 27.78 -1.84 -5.82
C HIS B 240 27.63 -3.05 -4.92
N ASP B 241 26.92 -4.09 -5.36
CA ASP B 241 26.74 -5.36 -4.62
C ASP B 241 28.11 -5.84 -4.14
N ARG B 242 29.13 -5.65 -4.96
CA ARG B 242 30.54 -5.97 -4.71
C ARG B 242 31.08 -5.36 -3.40
N HIS B 243 30.68 -4.15 -2.99
CA HIS B 243 31.23 -3.40 -1.81
C HIS B 243 30.40 -3.64 -0.52
N ALA B 244 29.26 -4.33 -0.64
CA ALA B 244 28.35 -4.70 0.49
C ALA B 244 29.02 -5.64 1.49
N ASP B 245 28.86 -5.37 2.79
CA ASP B 245 29.19 -6.32 3.88
C ASP B 245 27.98 -7.25 4.15
N LEU B 246 26.76 -6.81 3.84
CA LEU B 246 25.54 -7.67 3.86
C LEU B 246 24.64 -7.27 2.68
N ARG B 247 24.03 -8.26 2.03
CA ARG B 247 23.10 -8.08 0.92
C ARG B 247 21.84 -8.86 1.28
N ILE B 248 20.68 -8.23 1.27
CA ILE B 248 19.42 -8.94 1.63
C ILE B 248 18.51 -8.88 0.41
N HIS B 249 17.97 -10.02 0.01
CA HIS B 249 17.17 -10.17 -1.23
C HIS B 249 15.77 -10.52 -0.72
N GLY B 250 14.99 -9.45 -0.48
CA GLY B 250 13.73 -9.38 0.26
C GLY B 250 12.97 -8.08 0.01
N TYR B 251 11.65 -8.16 0.14
CA TYR B 251 10.70 -7.02 0.29
C TYR B 251 11.10 -6.23 1.53
N VAL B 252 11.35 -4.94 1.38
CA VAL B 252 11.81 -4.06 2.47
C VAL B 252 10.77 -4.06 3.59
N ASP B 253 9.46 -4.11 3.30
CA ASP B 253 8.49 -4.13 4.43
C ASP B 253 8.76 -5.29 5.37
N GLU B 254 9.02 -6.49 4.85
CA GLU B 254 9.28 -7.76 5.58
C GLU B 254 10.60 -7.60 6.33
N VAL B 255 11.63 -7.23 5.58
CA VAL B 255 12.95 -6.92 6.19
C VAL B 255 12.73 -6.00 7.39
N MET B 256 12.01 -4.86 7.23
CA MET B 256 12.00 -3.73 8.20
C MET B 256 11.06 -4.04 9.37
N THR B 257 9.94 -4.72 9.12
CA THR B 257 9.04 -5.20 10.20
C THR B 257 9.73 -6.18 11.14
N ARG B 258 10.43 -7.13 10.57
CA ARG B 258 11.30 -8.01 11.36
C ARG B 258 12.47 -7.22 11.90
N LEU B 259 13.04 -6.31 11.27
CA LEU B 259 14.06 -5.59 12.05
C LEU B 259 13.46 -4.91 13.30
N MET B 260 12.35 -4.18 13.20
CA MET B 260 11.78 -3.40 14.32
C MET B 260 11.47 -4.38 15.48
N LYS B 261 10.97 -5.57 15.14
CA LYS B 261 10.68 -6.64 16.12
C LYS B 261 11.98 -6.97 16.88
N HIS B 262 13.09 -7.29 16.19
CA HIS B 262 14.39 -7.62 16.84
C HIS B 262 14.85 -6.46 17.71
N LEU B 263 14.56 -5.21 17.33
CA LEU B 263 15.03 -4.07 18.18
C LEU B 263 14.00 -3.80 19.31
N GLY B 264 12.82 -4.47 19.29
CA GLY B 264 11.75 -4.29 20.31
C GLY B 264 11.00 -2.99 20.11
N LEU B 265 11.00 -2.41 18.90
CA LEU B 265 10.22 -1.17 18.65
C LEU B 265 8.88 -1.50 17.98
N GLU B 266 7.96 -0.57 18.17
CA GLU B 266 6.63 -0.53 17.53
C GLU B 266 6.74 0.27 16.22
N ILE B 267 5.94 -0.06 15.21
CA ILE B 267 5.79 0.82 14.00
C ILE B 267 4.64 1.78 14.28
N PRO B 268 4.96 3.08 14.41
CA PRO B 268 3.99 4.10 14.81
C PRO B 268 2.95 4.35 13.72
N ALA B 269 1.84 4.89 14.18
CA ALA B 269 0.58 5.16 13.45
C ALA B 269 0.74 6.42 12.60
N TRP B 270 0.33 6.35 11.34
CA TRP B 270 0.14 7.55 10.47
C TRP B 270 -1.25 8.17 10.70
N ASP B 271 -1.27 9.47 10.98
CA ASP B 271 -2.47 10.27 11.28
C ASP B 271 -2.68 11.26 10.11
N GLY B 272 -2.33 10.84 8.88
CA GLY B 272 -2.47 11.67 7.69
C GLY B 272 -1.31 12.67 7.54
N PRO B 273 -1.33 13.48 6.46
CA PRO B 273 -0.18 14.27 5.99
C PRO B 273 0.24 15.39 6.93
N ARG B 274 1.52 15.34 7.31
CA ARG B 274 2.07 16.27 8.35
C ARG B 274 3.51 16.57 8.03
N VAL B 275 3.94 17.79 8.32
CA VAL B 275 5.30 18.35 8.01
C VAL B 275 5.89 18.72 9.36
N LEU B 276 7.07 18.19 9.66
CA LEU B 276 7.84 18.55 10.84
C LEU B 276 9.15 19.15 10.39
N GLU B 277 9.42 20.42 10.70
CA GLU B 277 10.63 21.12 10.16
C GLU B 277 11.86 20.62 10.90
N ARG B 278 11.81 20.57 12.25
CA ARG B 278 12.99 20.33 13.13
C ARG B 278 12.79 19.10 13.99
N ALA B 279 13.83 18.27 14.06
CA ALA B 279 13.79 17.04 14.86
C ALA B 279 13.45 17.46 16.30
N LEU B 280 12.53 16.73 16.94
CA LEU B 280 12.21 16.82 18.39
C LEU B 280 13.27 16.08 19.20
N PRO B 281 13.32 16.28 20.55
CA PRO B 281 14.25 15.54 21.41
C PRO B 281 14.06 14.02 21.49
N PRO B 282 15.18 13.27 21.36
CA PRO B 282 15.18 11.79 21.39
C PRO B 282 14.33 11.13 22.48
N LEU B 283 13.54 10.11 22.13
CA LEU B 283 12.69 9.32 23.08
C LEU B 283 13.46 8.10 23.57
N PRO B 284 13.00 7.46 24.69
CA PRO B 284 13.64 6.27 25.23
C PRO B 284 13.71 5.10 24.23
N ARG B 285 14.73 4.21 24.31
CA ARG B 285 14.79 2.95 23.50
C ARG B 285 15.13 1.75 24.38
N PRO B 286 14.82 0.51 23.93
CA PRO B 286 15.18 -0.67 24.70
C PRO B 286 16.67 -0.75 24.99
N PRO B 287 17.10 -1.41 26.10
CA PRO B 287 18.52 -1.63 26.29
C PRO B 287 19.03 -2.64 25.24
N THR B 288 20.35 -2.84 25.17
CA THR B 288 21.03 -3.60 24.07
C THR B 288 21.27 -5.05 24.49
N PRO B 289 21.27 -6.01 23.55
CA PRO B 289 21.78 -7.35 23.82
C PRO B 289 23.26 -7.33 24.17
N LYS B 290 23.65 -8.44 24.81
CA LYS B 290 25.06 -8.91 24.87
C LYS B 290 25.52 -9.39 23.47
N LEU B 291 26.64 -8.89 22.95
CA LEU B 291 27.22 -9.37 21.66
C LEU B 291 28.61 -9.97 21.91
N GLU B 292 28.70 -11.26 22.29
CA GLU B 292 29.97 -12.05 22.27
C GLU B 292 30.77 -11.81 23.55
#